data_8WRK
#
_entry.id   8WRK
#
_cell.length_a   45.673
_cell.length_b   52.645
_cell.length_c   200.340
_cell.angle_alpha   90.00
_cell.angle_beta   90.00
_cell.angle_gamma   90.00
#
_symmetry.space_group_name_H-M   'P 21 21 21'
#
loop_
_entity.id
_entity.type
_entity.pdbx_description
1 polymer Glycosyltransferase
2 non-polymer PICEATANNOL
3 non-polymer "URIDINE-5'-DIPHOSPHATE"
4 water water
#
_entity_poly.entity_id   1
_entity_poly.type   'polypeptide(L)'
_entity_poly.pdbx_seq_one_letter_code
;MTPIHILAFPFPAKGHINPLLHLCNRLASKGFKITLITTVSTLKSVKTSKANGIDIESIPDGIPQEQNHQIITVMEMNME
LYFKQFKASAIENTTKLIQKLKTKNPLPKVLIYDSSMPWILEVAHEQGLLGASFFTQPCSVSAIYYHMLQGTIKLPLENS
ENGMVSLPYLPLLEIKDLPGVQQFEDNSEAVAELLADQFSNIDDVDYVLFNTFDALEIEVVNWMGSKWPILTVGPTAPTS
MFFLDKKQKNYEDGRSINYLFETNTEVCMKWLDQREIDTVIYVSFGSLASLTEEQMEQVSQALIRSNCYFLWVVREEEEN
KLPKDFKETTSKKKGLVINWCPQLDVLAHKSVACFMTHCGWNSTLEALCSGVPMICMPQWADQTTNAKLIEHVWKIGVGV
NKSDENGIVKREEIEDCIRQVIESERGKELKRNAIKWKELAKEAVSEGGSSCNNIQEFSSSLLFN
;
_entity_poly.pdbx_strand_id   A
#
# COMPACT_ATOMS: atom_id res chain seq x y z
N PRO A 3 13.19 25.58 -10.72
CA PRO A 3 12.31 24.40 -10.67
C PRO A 3 11.19 24.56 -9.64
N ILE A 4 10.03 23.99 -9.96
CA ILE A 4 8.92 23.93 -9.02
C ILE A 4 9.27 22.94 -7.91
N HIS A 5 9.17 23.38 -6.67
CA HIS A 5 9.56 22.61 -5.48
C HIS A 5 8.31 22.02 -4.85
N ILE A 6 8.27 20.70 -4.73
CA ILE A 6 7.10 19.98 -4.24
C ILE A 6 7.48 19.39 -2.89
N LEU A 7 6.63 19.59 -1.89
CA LEU A 7 6.77 18.92 -0.60
C LEU A 7 5.85 17.70 -0.56
N ALA A 8 6.33 16.60 0.02
CA ALA A 8 5.53 15.39 0.14
C ALA A 8 5.56 14.89 1.59
N PHE A 9 4.38 14.62 2.14
CA PHE A 9 4.26 14.21 3.55
C PHE A 9 3.37 12.97 3.61
N PRO A 10 3.94 11.79 3.51
CA PRO A 10 3.14 10.57 3.70
C PRO A 10 2.91 10.33 5.18
N PHE A 11 1.81 9.64 5.46
CA PHE A 11 1.65 9.06 6.78
C PHE A 11 2.81 8.10 7.03
N PRO A 12 3.37 8.08 8.27
CA PRO A 12 4.56 7.24 8.57
C PRO A 12 4.25 5.75 8.69
N ALA A 13 4.03 5.12 7.53
CA ALA A 13 3.94 3.66 7.40
C ALA A 13 4.30 3.34 5.96
N LYS A 14 4.94 2.17 5.75
CA LYS A 14 5.52 1.87 4.44
C LYS A 14 4.47 1.88 3.35
N GLY A 15 3.24 1.44 3.66
CA GLY A 15 2.17 1.42 2.67
C GLY A 15 1.68 2.79 2.27
N HIS A 16 2.06 3.82 3.02
CA HIS A 16 1.78 5.20 2.66
C HIS A 16 3.02 5.89 2.10
N ILE A 17 4.19 5.65 2.71
CA ILE A 17 5.45 6.21 2.20
C ILE A 17 5.72 5.72 0.78
N ASN A 18 5.65 4.41 0.56
CA ASN A 18 6.14 3.88 -0.71
C ASN A 18 5.38 4.41 -1.92
N PRO A 19 4.04 4.38 -1.97
CA PRO A 19 3.38 4.89 -3.18
C PRO A 19 3.59 6.38 -3.39
N LEU A 20 3.76 7.15 -2.31
CA LEU A 20 4.04 8.58 -2.49
C LEU A 20 5.47 8.79 -2.98
N LEU A 21 6.42 8.02 -2.44
CA LEU A 21 7.79 8.04 -2.95
C LEU A 21 7.84 7.76 -4.44
N HIS A 22 7.12 6.72 -4.88
CA HIS A 22 7.12 6.42 -6.32
C HIS A 22 6.59 7.59 -7.13
N LEU A 23 5.51 8.22 -6.67
CA LEU A 23 5.02 9.43 -7.34
C LEU A 23 6.08 10.52 -7.33
N CYS A 24 6.76 10.71 -6.20
CA CYS A 24 7.83 11.71 -6.13
C CYS A 24 8.96 11.42 -7.12
N ASN A 25 9.31 10.15 -7.32
CA ASN A 25 10.37 9.84 -8.29
C ASN A 25 9.92 10.18 -9.71
N ARG A 26 8.67 9.88 -10.04
CA ARG A 26 8.13 10.28 -11.35
C ARG A 26 8.17 11.80 -11.50
N LEU A 27 7.76 12.53 -10.46
CA LEU A 27 7.74 13.99 -10.57
C LEU A 27 9.15 14.54 -10.63
N ALA A 28 10.08 13.95 -9.88
CA ALA A 28 11.48 14.37 -9.97
C ALA A 28 12.04 14.10 -11.36
N SER A 29 11.53 13.07 -12.06
CA SER A 29 11.97 12.79 -13.42
C SER A 29 11.50 13.85 -14.39
N LYS A 30 10.40 14.53 -14.08
CA LYS A 30 9.86 15.59 -14.90
C LYS A 30 10.44 16.96 -14.58
N GLY A 31 11.48 17.03 -13.74
CA GLY A 31 12.13 18.29 -13.43
C GLY A 31 11.83 18.86 -12.05
N PHE A 32 10.83 18.36 -11.34
CA PHE A 32 10.46 18.94 -10.06
C PHE A 32 11.48 18.65 -8.96
N LYS A 33 11.69 19.63 -8.07
CA LYS A 33 12.43 19.36 -6.84
C LYS A 33 11.47 18.81 -5.79
N ILE A 34 11.91 17.80 -5.05
CA ILE A 34 11.07 17.13 -4.07
C ILE A 34 11.75 17.24 -2.72
N THR A 35 10.98 17.60 -1.70
CA THR A 35 11.39 17.39 -0.32
C THR A 35 10.40 16.44 0.33
N LEU A 36 10.90 15.33 0.85
CA LEU A 36 10.06 14.34 1.51
C LEU A 36 10.12 14.55 3.01
N ILE A 37 8.96 14.67 3.65
CA ILE A 37 8.87 14.90 5.08
C ILE A 37 8.61 13.56 5.75
N THR A 38 9.51 13.13 6.63
CA THR A 38 9.37 11.88 7.36
C THR A 38 9.57 12.09 8.85
N THR A 39 8.99 11.18 9.65
CA THR A 39 9.25 11.24 11.07
C THR A 39 10.63 10.68 11.38
N VAL A 40 11.15 11.03 12.55
CA VAL A 40 12.46 10.50 12.92
C VAL A 40 12.41 8.98 13.01
N SER A 41 11.27 8.42 13.44
CA SER A 41 11.12 6.97 13.50
C SER A 41 11.23 6.34 12.11
N THR A 42 10.60 6.95 11.10
CA THR A 42 10.77 6.45 9.73
C THR A 42 12.24 6.52 9.31
N LEU A 43 12.87 7.67 9.56
CA LEU A 43 14.26 7.88 9.12
C LEU A 43 15.21 6.84 9.71
N LYS A 44 14.92 6.30 10.89
CA LYS A 44 15.79 5.29 11.48
C LYS A 44 15.91 4.07 10.59
N SER A 45 14.87 3.74 9.83
CA SER A 45 14.90 2.60 8.93
C SER A 45 15.32 2.95 7.51
N VAL A 46 15.45 4.23 7.19
CA VAL A 46 15.91 4.62 5.86
C VAL A 46 17.38 4.26 5.76
N LYS A 47 17.74 3.45 4.77
CA LYS A 47 19.12 3.00 4.61
C LYS A 47 19.78 3.53 3.35
N THR A 48 19.00 3.82 2.32
CA THR A 48 19.51 4.32 1.05
C THR A 48 18.63 5.47 0.58
N SER A 49 19.24 6.62 0.29
CA SER A 49 18.47 7.75 -0.19
C SER A 49 19.31 8.58 -1.16
N LYS A 50 20.62 8.36 -1.17
CA LYS A 50 21.52 9.19 -1.97
C LYS A 50 21.09 9.20 -3.45
N ALA A 51 20.80 8.02 -4.00
CA ALA A 51 20.46 7.92 -5.41
C ALA A 51 19.23 8.74 -5.78
N ASN A 52 18.27 8.88 -4.86
CA ASN A 52 16.98 9.49 -5.18
C ASN A 52 17.14 10.94 -5.64
N GLY A 53 18.11 11.65 -5.09
CA GLY A 53 18.19 13.09 -5.29
C GLY A 53 17.13 13.89 -4.57
N ILE A 54 16.15 13.23 -3.95
CA ILE A 54 15.14 13.90 -3.14
C ILE A 54 15.77 14.33 -1.82
N ASP A 55 15.43 15.53 -1.35
CA ASP A 55 15.78 15.93 0.00
C ASP A 55 14.83 15.27 1.00
N ILE A 56 15.39 14.80 2.10
CA ILE A 56 14.59 14.24 3.18
C ILE A 56 14.72 15.16 4.37
N GLU A 57 13.59 15.62 4.90
CA GLU A 57 13.56 16.43 6.10
C GLU A 57 12.78 15.67 7.16
N SER A 58 13.31 15.60 8.37
CA SER A 58 12.67 14.84 9.42
C SER A 58 11.92 15.77 10.37
N ILE A 59 10.79 15.28 10.87
CA ILE A 59 10.05 15.92 11.96
C ILE A 59 10.01 14.92 13.11
N PRO A 60 9.77 15.40 14.33
CA PRO A 60 9.62 14.45 15.44
C PRO A 60 8.41 13.54 15.24
N ASP A 61 8.48 12.36 15.86
CA ASP A 61 7.36 11.42 15.81
C ASP A 61 6.09 12.05 16.38
N GLY A 62 6.22 12.83 17.46
CA GLY A 62 5.07 13.41 18.09
C GLY A 62 4.29 12.48 19.00
N ILE A 63 4.71 11.23 19.15
CA ILE A 63 4.12 10.29 20.11
C ILE A 63 5.26 9.55 20.81
N PRO A 64 4.97 8.73 21.84
CA PRO A 64 6.06 8.01 22.52
C PRO A 64 6.85 7.10 21.60
N GLN A 65 8.11 6.89 21.95
CA GLN A 65 9.06 6.07 21.21
C GLN A 65 9.25 4.76 21.97
N GLU A 66 8.52 3.72 21.59
CA GLU A 66 8.52 2.46 22.33
C GLU A 66 9.53 1.50 21.71
N GLN A 67 10.64 1.29 22.41
CA GLN A 67 11.72 0.41 21.95
C GLN A 67 12.11 0.74 20.51
N ASN A 68 12.02 -0.26 19.64
CA ASN A 68 12.26 -0.11 18.22
C ASN A 68 10.97 -0.28 17.41
N HIS A 69 9.82 -0.09 18.05
CA HIS A 69 8.54 -0.23 17.37
C HIS A 69 8.32 0.92 16.40
N GLN A 70 7.58 0.64 15.32
CA GLN A 70 7.24 1.68 14.37
C GLN A 70 6.08 2.50 14.91
N ILE A 71 5.68 3.52 14.15
CA ILE A 71 4.83 4.58 14.68
C ILE A 71 3.42 4.06 14.93
N ILE A 72 2.88 3.29 13.98
CA ILE A 72 1.53 2.78 14.09
C ILE A 72 1.46 1.72 15.19
N THR A 73 2.57 1.03 15.47
CA THR A 73 2.61 0.09 16.59
C THR A 73 2.35 0.82 17.91
N VAL A 74 3.16 1.86 18.18
CA VAL A 74 2.92 2.71 19.34
C VAL A 74 1.53 3.34 19.26
N MET A 75 1.12 3.74 18.06
CA MET A 75 -0.16 4.44 17.93
C MET A 75 -1.35 3.57 18.31
N GLU A 76 -1.29 2.27 18.03
CA GLU A 76 -2.46 1.43 18.29
C GLU A 76 -2.60 1.01 19.76
N MET A 77 -1.66 1.38 20.63
CA MET A 77 -1.88 1.22 22.07
C MET A 77 -3.01 2.12 22.58
N ASN A 78 -3.26 3.24 21.91
CA ASN A 78 -4.36 4.14 22.28
C ASN A 78 -4.56 5.06 21.07
N MET A 79 -5.46 4.66 20.17
CA MET A 79 -5.53 5.28 18.84
C MET A 79 -6.12 6.68 18.90
N GLU A 80 -7.26 6.85 19.57
CA GLU A 80 -7.85 8.18 19.64
C GLU A 80 -6.89 9.19 20.27
N LEU A 81 -6.15 8.77 21.29
CA LEU A 81 -5.22 9.69 21.93
C LEU A 81 -3.97 9.91 21.08
N TYR A 82 -3.33 8.82 20.63
CA TYR A 82 -2.04 9.01 20.00
C TYR A 82 -2.15 9.57 18.58
N PHE A 83 -3.23 9.27 17.86
CA PHE A 83 -3.43 9.93 16.57
C PHE A 83 -3.62 11.43 16.76
N LYS A 84 -4.33 11.83 17.81
CA LYS A 84 -4.56 13.25 18.05
C LYS A 84 -3.27 13.95 18.47
N GLN A 85 -2.45 13.30 19.29
CA GLN A 85 -1.12 13.83 19.61
C GLN A 85 -0.26 13.90 18.35
N PHE A 86 -0.26 12.84 17.55
CA PHE A 86 0.48 12.85 16.29
C PHE A 86 0.03 14.01 15.41
N LYS A 87 -1.28 14.25 15.33
CA LYS A 87 -1.82 15.32 14.52
C LYS A 87 -1.35 16.68 15.03
N ALA A 88 -1.49 16.93 16.33
CA ALA A 88 -1.07 18.21 16.87
C ALA A 88 0.42 18.43 16.64
N SER A 89 1.24 17.42 16.87
CA SER A 89 2.67 17.59 16.65
C SER A 89 3.00 17.78 15.17
N ALA A 90 2.31 17.06 14.28
CA ALA A 90 2.66 17.18 12.87
C ALA A 90 2.27 18.55 12.33
N ILE A 91 1.14 19.10 12.78
CA ILE A 91 0.74 20.45 12.38
C ILE A 91 1.81 21.45 12.76
N GLU A 92 2.28 21.37 14.01
CA GLU A 92 3.28 22.31 14.50
C GLU A 92 4.60 22.15 13.74
N ASN A 93 5.02 20.91 13.56
CA ASN A 93 6.36 20.73 13.03
C ASN A 93 6.40 20.84 11.52
N THR A 94 5.32 20.54 10.82
CA THR A 94 5.35 20.80 9.38
C THR A 94 5.30 22.30 9.10
N THR A 95 4.55 23.06 9.92
CA THR A 95 4.57 24.52 9.82
C THR A 95 5.97 25.07 9.99
N LYS A 96 6.67 24.60 11.04
CA LYS A 96 8.05 25.02 11.32
C LYS A 96 8.97 24.69 10.17
N LEU A 97 8.85 23.46 9.64
CA LEU A 97 9.71 23.03 8.55
C LEU A 97 9.46 23.87 7.31
N ILE A 98 8.20 24.15 7.01
CA ILE A 98 7.87 24.97 5.85
C ILE A 98 8.43 26.38 6.02
N GLN A 99 8.28 26.94 7.22
CA GLN A 99 8.89 28.25 7.49
C GLN A 99 10.39 28.25 7.20
N LYS A 100 11.08 27.17 7.58
CA LYS A 100 12.50 27.05 7.26
C LYS A 100 12.73 26.84 5.77
N LEU A 101 11.90 26.02 5.11
CA LEU A 101 12.05 25.82 3.68
C LEU A 101 11.82 27.11 2.90
N LYS A 102 11.03 28.03 3.46
CA LYS A 102 10.81 29.33 2.84
C LYS A 102 12.00 30.27 2.96
N THR A 103 13.08 29.86 3.59
CA THR A 103 14.32 30.63 3.54
C THR A 103 15.25 30.16 2.43
N LYS A 104 14.85 29.20 1.61
CA LYS A 104 15.73 28.58 0.63
C LYS A 104 15.06 28.54 -0.74
N ASN A 105 15.86 28.77 -1.78
CA ASN A 105 15.35 28.63 -3.15
C ASN A 105 15.71 27.26 -3.68
N PRO A 106 14.82 26.60 -4.44
CA PRO A 106 13.51 27.12 -4.83
C PRO A 106 12.49 27.05 -3.71
N LEU A 107 11.61 28.04 -3.64
CA LEU A 107 10.57 28.07 -2.62
C LEU A 107 9.55 26.97 -2.85
N PRO A 108 9.00 26.35 -1.79
CA PRO A 108 8.00 25.30 -1.99
C PRO A 108 6.71 25.90 -2.54
N LYS A 109 6.05 25.15 -3.44
CA LYS A 109 4.81 25.60 -4.06
C LYS A 109 3.58 24.75 -3.72
N VAL A 110 3.78 23.47 -3.42
CA VAL A 110 2.66 22.56 -3.24
C VAL A 110 3.08 21.56 -2.19
N LEU A 111 2.11 21.11 -1.41
CA LEU A 111 2.33 20.06 -0.42
C LEU A 111 1.40 18.91 -0.76
N ILE A 112 1.97 17.81 -1.19
CA ILE A 112 1.24 16.56 -1.38
C ILE A 112 1.28 15.83 -0.04
N TYR A 113 0.12 15.61 0.55
CA TYR A 113 0.05 15.01 1.87
C TYR A 113 -0.87 13.81 1.82
N ASP A 114 -0.64 12.89 2.75
CA ASP A 114 -1.43 11.67 2.83
C ASP A 114 -2.89 12.01 3.13
N SER A 115 -3.82 11.38 2.39
CA SER A 115 -5.23 11.69 2.55
C SER A 115 -5.73 11.41 3.95
N SER A 116 -5.07 10.55 4.71
CA SER A 116 -5.45 10.28 6.09
C SER A 116 -5.06 11.41 7.02
N MET A 117 -4.34 12.42 6.53
CA MET A 117 -4.01 13.62 7.31
C MET A 117 -4.67 14.84 6.67
N PRO A 118 -6.01 14.86 6.61
CA PRO A 118 -6.67 15.94 5.85
C PRO A 118 -6.41 17.32 6.40
N TRP A 119 -6.17 17.43 7.71
CA TRP A 119 -5.88 18.70 8.36
C TRP A 119 -4.57 19.32 7.88
N ILE A 120 -3.70 18.57 7.19
CA ILE A 120 -2.51 19.19 6.61
C ILE A 120 -2.90 20.18 5.49
N LEU A 121 -4.08 20.02 4.89
CA LEU A 121 -4.53 21.04 3.94
C LEU A 121 -4.46 22.45 4.55
N GLU A 122 -4.89 22.62 5.80
CA GLU A 122 -4.90 23.97 6.37
C GLU A 122 -3.49 24.46 6.65
N VAL A 123 -2.55 23.56 6.95
CA VAL A 123 -1.15 23.95 7.05
C VAL A 123 -0.64 24.42 5.70
N ALA A 124 -0.96 23.67 4.63
CA ALA A 124 -0.57 24.08 3.29
C ALA A 124 -1.11 25.48 2.96
N HIS A 125 -2.42 25.64 3.10
CA HIS A 125 -3.04 26.89 2.70
C HIS A 125 -2.55 28.05 3.57
N GLU A 126 -2.40 27.82 4.89
CA GLU A 126 -1.91 28.88 5.76
C GLU A 126 -0.52 29.33 5.34
N GLN A 127 0.26 28.41 4.79
CA GLN A 127 1.61 28.69 4.35
C GLN A 127 1.67 29.16 2.90
N GLY A 128 0.53 29.40 2.25
CA GLY A 128 0.54 29.86 0.87
C GLY A 128 0.86 28.79 -0.16
N LEU A 129 0.74 27.52 0.19
CA LEU A 129 1.01 26.43 -0.73
C LEU A 129 -0.29 25.81 -1.24
N LEU A 130 -0.22 25.21 -2.41
CA LEU A 130 -1.32 24.37 -2.88
C LEU A 130 -1.35 23.08 -2.08
N GLY A 131 -2.53 22.50 -1.95
CA GLY A 131 -2.65 21.25 -1.22
C GLY A 131 -3.18 20.14 -2.09
N ALA A 132 -2.45 19.01 -2.14
CA ALA A 132 -2.85 17.83 -2.90
C ALA A 132 -3.01 16.67 -1.92
N SER A 133 -4.23 16.15 -1.79
CA SER A 133 -4.47 14.99 -0.94
C SER A 133 -4.22 13.71 -1.73
N PHE A 134 -3.33 12.86 -1.24
CA PHE A 134 -2.91 11.64 -1.94
C PHE A 134 -3.54 10.42 -1.28
N PHE A 135 -4.51 9.83 -1.95
CA PHE A 135 -5.19 8.62 -1.45
C PHE A 135 -4.39 7.39 -1.82
N THR A 136 -4.05 6.58 -0.81
CA THR A 136 -3.28 5.36 -0.98
C THR A 136 -4.16 4.10 -1.01
N GLN A 137 -5.46 4.26 -1.20
CA GLN A 137 -6.38 3.14 -1.41
C GLN A 137 -7.17 3.39 -2.69
N PRO A 138 -7.76 2.36 -3.28
CA PRO A 138 -8.51 2.54 -4.53
C PRO A 138 -9.74 3.43 -4.32
N CYS A 139 -10.31 3.90 -5.43
CA CYS A 139 -11.54 4.69 -5.33
C CYS A 139 -12.67 3.85 -4.77
N SER A 140 -12.71 2.54 -5.10
CA SER A 140 -13.79 1.68 -4.61
C SER A 140 -13.81 1.63 -3.09
N VAL A 141 -12.65 1.49 -2.47
CA VAL A 141 -12.59 1.42 -1.02
C VAL A 141 -12.76 2.80 -0.41
N SER A 142 -12.15 3.82 -1.02
CA SER A 142 -12.30 5.17 -0.53
C SER A 142 -13.75 5.61 -0.55
N ALA A 143 -14.51 5.16 -1.55
CA ALA A 143 -15.93 5.46 -1.62
C ALA A 143 -16.66 5.02 -0.36
N ILE A 144 -16.27 3.88 0.20
CA ILE A 144 -16.91 3.39 1.42
C ILE A 144 -16.66 4.36 2.56
N TYR A 145 -15.45 4.89 2.65
CA TYR A 145 -15.15 5.88 3.67
C TYR A 145 -15.97 7.14 3.48
N TYR A 146 -16.20 7.56 2.22
CA TYR A 146 -17.04 8.72 1.97
C TYR A 146 -18.48 8.46 2.39
N HIS A 147 -19.03 7.28 2.04
CA HIS A 147 -20.39 6.96 2.46
C HIS A 147 -20.50 6.91 3.98
N MET A 148 -19.46 6.47 4.67
CA MET A 148 -19.44 6.55 6.14
C MET A 148 -19.58 7.99 6.61
N LEU A 149 -18.83 8.91 6.01
CA LEU A 149 -18.90 10.31 6.42
C LEU A 149 -20.27 10.91 6.12
N GLN A 150 -20.89 10.50 5.02
CA GLN A 150 -22.27 10.94 4.77
C GLN A 150 -23.28 10.23 5.65
N GLY A 151 -22.84 9.29 6.47
CA GLY A 151 -23.73 8.52 7.29
C GLY A 151 -24.53 7.47 6.55
N THR A 152 -24.28 7.30 5.25
CA THR A 152 -24.97 6.26 4.48
C THR A 152 -24.73 4.87 5.06
N ILE A 153 -23.59 4.68 5.70
CA ILE A 153 -23.23 3.38 6.29
C ILE A 153 -22.50 3.61 7.60
N LYS A 154 -22.75 2.73 8.57
CA LYS A 154 -22.12 2.80 9.88
C LYS A 154 -21.12 1.65 10.04
N LEU A 155 -19.98 1.95 10.67
CA LEU A 155 -18.89 0.98 10.85
C LEU A 155 -19.21 -0.09 11.89
N PRO A 156 -20.44 -0.56 11.93
CA PRO A 156 -20.85 -1.59 12.88
C PRO A 156 -20.26 -2.94 12.50
N MET A 164 -26.02 -8.65 3.66
CA MET A 164 -25.32 -8.02 2.54
C MET A 164 -25.43 -6.49 2.54
N VAL A 165 -24.55 -5.85 1.77
CA VAL A 165 -24.39 -4.40 1.78
C VAL A 165 -24.29 -3.90 0.35
N SER A 166 -25.16 -2.95 -0.01
CA SER A 166 -25.21 -2.38 -1.34
C SER A 166 -24.77 -0.93 -1.27
N LEU A 167 -23.74 -0.58 -2.05
CA LEU A 167 -23.29 0.79 -2.19
C LEU A 167 -23.18 1.11 -3.67
N PRO A 168 -23.41 2.36 -4.07
CA PRO A 168 -23.41 2.69 -5.50
C PRO A 168 -22.10 2.28 -6.14
N TYR A 169 -22.19 1.59 -7.28
CA TYR A 169 -21.06 1.23 -8.14
C TYR A 169 -20.08 0.27 -7.49
N LEU A 170 -20.46 -0.37 -6.36
CA LEU A 170 -19.67 -1.43 -5.76
C LEU A 170 -20.39 -2.77 -5.90
N PRO A 171 -19.66 -3.89 -5.91
CA PRO A 171 -20.34 -5.18 -5.89
C PRO A 171 -21.01 -5.41 -4.54
N LEU A 172 -22.11 -6.16 -4.57
CA LEU A 172 -22.69 -6.66 -3.34
C LEU A 172 -21.60 -7.18 -2.42
N LEU A 173 -21.63 -6.74 -1.17
CA LEU A 173 -20.62 -7.05 -0.18
C LEU A 173 -21.25 -7.80 0.98
N GLU A 174 -20.59 -8.86 1.44
CA GLU A 174 -20.95 -9.41 2.73
C GLU A 174 -20.39 -8.50 3.82
N ILE A 175 -20.76 -8.79 5.07
CA ILE A 175 -20.19 -8.03 6.17
C ILE A 175 -18.69 -8.29 6.27
N LYS A 176 -18.28 -9.53 5.94
CA LYS A 176 -16.88 -9.94 5.91
C LYS A 176 -16.05 -9.14 4.90
N ASP A 177 -16.70 -8.52 3.91
CA ASP A 177 -16.00 -7.77 2.86
C ASP A 177 -15.83 -6.28 3.18
N LEU A 178 -16.49 -5.76 4.21
CA LEU A 178 -16.36 -4.36 4.56
C LEU A 178 -14.97 -4.11 5.14
N PRO A 179 -14.47 -2.84 5.07
CA PRO A 179 -13.16 -2.54 5.68
C PRO A 179 -13.11 -2.97 7.13
N GLY A 180 -12.19 -3.88 7.44
CA GLY A 180 -12.11 -4.48 8.76
C GLY A 180 -11.69 -3.52 9.85
N VAL A 181 -12.66 -2.84 10.47
CA VAL A 181 -12.37 -1.96 11.60
C VAL A 181 -12.53 -2.66 12.94
N GLN A 182 -13.30 -3.76 12.98
CA GLN A 182 -13.56 -4.47 14.23
C GLN A 182 -12.29 -5.09 14.81
N GLN A 183 -11.35 -5.50 13.93
CA GLN A 183 -10.13 -6.17 14.39
C GLN A 183 -9.34 -5.29 15.35
N PHE A 184 -9.48 -3.96 15.26
CA PHE A 184 -8.77 -3.06 16.16
C PHE A 184 -9.40 -3.01 17.55
N GLU A 185 -10.62 -3.53 17.70
CA GLU A 185 -11.28 -3.70 18.99
C GLU A 185 -11.59 -2.38 19.68
N ASP A 186 -10.84 -2.03 20.73
CA ASP A 186 -11.05 -0.77 21.41
C ASP A 186 -10.77 0.42 20.49
N ASN A 187 -9.82 0.27 19.57
CA ASN A 187 -9.49 1.29 18.58
C ASN A 187 -10.42 1.27 17.37
N SER A 188 -11.40 0.37 17.34
CA SER A 188 -12.26 0.25 16.17
C SER A 188 -12.97 1.56 15.85
N GLU A 189 -13.57 2.19 16.88
CA GLU A 189 -14.37 3.38 16.63
C GLU A 189 -13.50 4.53 16.14
N ALA A 190 -12.28 4.67 16.67
CA ALA A 190 -11.41 5.75 16.23
C ALA A 190 -10.90 5.50 14.82
N VAL A 191 -10.58 4.25 14.49
CA VAL A 191 -10.09 3.94 13.15
C VAL A 191 -11.13 4.27 12.10
N ALA A 192 -12.41 4.07 12.44
CA ALA A 192 -13.47 4.35 11.47
C ALA A 192 -13.68 5.84 11.30
N GLU A 193 -13.52 6.61 12.38
CA GLU A 193 -13.66 8.06 12.27
C GLU A 193 -12.52 8.65 11.45
N LEU A 194 -11.32 8.10 11.60
CA LEU A 194 -10.17 8.58 10.85
C LEU A 194 -10.33 8.36 9.35
N LEU A 195 -10.82 7.18 8.96
CA LEU A 195 -11.00 6.87 7.54
C LEU A 195 -12.08 7.75 6.92
N ALA A 196 -13.23 7.88 7.59
CA ALA A 196 -14.27 8.77 7.09
C ALA A 196 -13.77 10.20 6.98
N ASP A 197 -12.88 10.63 7.88
CA ASP A 197 -12.44 12.02 7.90
C ASP A 197 -11.61 12.40 6.67
N GLN A 198 -11.13 11.42 5.90
CA GLN A 198 -10.38 11.72 4.67
C GLN A 198 -11.17 12.59 3.72
N PHE A 199 -12.51 12.55 3.80
CA PHE A 199 -13.35 13.32 2.91
C PHE A 199 -13.91 14.59 3.55
N SER A 200 -13.51 14.89 4.78
CA SER A 200 -14.12 16.00 5.52
C SER A 200 -13.87 17.36 4.86
N ASN A 201 -12.76 17.55 4.15
CA ASN A 201 -12.48 18.85 3.54
C ASN A 201 -12.20 18.74 2.05
N ILE A 202 -12.74 17.70 1.41
CA ILE A 202 -12.33 17.37 0.04
C ILE A 202 -12.67 18.50 -0.92
N ASP A 203 -13.71 19.28 -0.60
CA ASP A 203 -14.09 20.40 -1.46
C ASP A 203 -13.09 21.55 -1.43
N ASP A 204 -12.27 21.62 -0.39
CA ASP A 204 -11.24 22.66 -0.29
C ASP A 204 -9.89 22.20 -0.83
N VAL A 205 -9.73 20.92 -1.15
CA VAL A 205 -8.45 20.42 -1.63
C VAL A 205 -8.18 20.95 -3.04
N ASP A 206 -6.92 21.30 -3.31
CA ASP A 206 -6.58 21.81 -4.64
C ASP A 206 -6.47 20.69 -5.67
N TYR A 207 -5.98 19.52 -5.25
CA TYR A 207 -5.82 18.37 -6.14
C TYR A 207 -6.12 17.11 -5.34
N VAL A 208 -7.00 16.27 -5.86
CA VAL A 208 -7.32 14.99 -5.24
C VAL A 208 -6.69 13.90 -6.09
N LEU A 209 -5.68 13.23 -5.55
CA LEU A 209 -4.91 12.21 -6.26
C LEU A 209 -5.27 10.83 -5.72
N PHE A 210 -5.53 9.88 -6.62
CA PHE A 210 -5.79 8.50 -6.24
C PHE A 210 -4.76 7.57 -6.89
N ASN A 211 -4.20 6.66 -6.09
CA ASN A 211 -3.27 5.66 -6.61
C ASN A 211 -4.05 4.48 -7.20
N THR A 212 -4.63 4.71 -8.37
CA THR A 212 -5.40 3.72 -9.12
C THR A 212 -5.36 4.15 -10.58
N PHE A 213 -5.91 3.31 -11.46
CA PHE A 213 -6.11 3.72 -12.84
C PHE A 213 -7.55 3.45 -13.25
N ASP A 214 -8.06 4.31 -14.13
CA ASP A 214 -9.49 4.33 -14.44
C ASP A 214 -10.02 2.95 -14.84
N ALA A 215 -9.29 2.26 -15.74
CA ALA A 215 -9.80 1.01 -16.27
C ALA A 215 -10.05 -0.01 -15.15
N LEU A 216 -9.36 0.14 -14.03
CA LEU A 216 -9.52 -0.75 -12.88
C LEU A 216 -10.86 -0.57 -12.18
N GLU A 217 -11.45 0.63 -12.21
CA GLU A 217 -12.71 0.84 -11.49
C GLU A 217 -13.47 1.98 -12.17
N ILE A 218 -13.89 1.70 -13.42
CA ILE A 218 -14.43 2.71 -14.32
C ILE A 218 -15.59 3.45 -13.68
N GLU A 219 -16.54 2.71 -13.10
CA GLU A 219 -17.78 3.33 -12.68
C GLU A 219 -17.60 4.17 -11.41
N VAL A 220 -16.87 3.66 -10.41
CA VAL A 220 -16.73 4.47 -9.20
C VAL A 220 -15.85 5.68 -9.47
N VAL A 221 -14.87 5.55 -10.36
CA VAL A 221 -14.07 6.72 -10.75
C VAL A 221 -14.93 7.75 -11.46
N ASN A 222 -15.78 7.30 -12.39
CA ASN A 222 -16.72 8.19 -13.05
C ASN A 222 -17.67 8.81 -12.04
N TRP A 223 -18.22 8.00 -11.12
CA TRP A 223 -19.08 8.53 -10.06
C TRP A 223 -18.37 9.60 -9.25
N MET A 224 -17.13 9.33 -8.82
CA MET A 224 -16.42 10.30 -8.00
C MET A 224 -16.10 11.57 -8.78
N GLY A 225 -15.76 11.40 -10.06
CA GLY A 225 -15.48 12.55 -10.90
C GLY A 225 -16.66 13.46 -11.10
N SER A 226 -17.88 12.94 -10.94
CA SER A 226 -19.05 13.79 -11.02
C SER A 226 -19.15 14.73 -9.81
N LYS A 227 -18.44 14.43 -8.73
CA LYS A 227 -18.49 15.26 -7.52
C LYS A 227 -17.31 16.23 -7.43
N TRP A 228 -16.10 15.75 -7.68
CA TRP A 228 -14.90 16.56 -7.59
C TRP A 228 -13.99 16.25 -8.76
N PRO A 229 -13.16 17.18 -9.17
CA PRO A 229 -12.06 16.81 -10.08
C PRO A 229 -11.04 15.97 -9.35
N ILE A 230 -10.98 14.69 -9.70
CA ILE A 230 -9.99 13.81 -9.11
C ILE A 230 -8.99 13.46 -10.19
N LEU A 231 -7.78 13.10 -9.75
CA LEU A 231 -6.72 12.69 -10.66
C LEU A 231 -6.27 11.29 -10.27
N THR A 232 -6.58 10.31 -11.13
CA THR A 232 -6.09 8.95 -10.96
C THR A 232 -4.69 8.88 -11.56
N VAL A 233 -3.70 8.54 -10.73
CA VAL A 233 -2.30 8.68 -11.15
C VAL A 233 -1.54 7.38 -10.95
N GLY A 234 -2.27 6.27 -10.77
CA GLY A 234 -1.65 5.02 -10.44
C GLY A 234 -1.56 4.05 -11.61
N PRO A 235 -0.77 2.98 -11.45
CA PRO A 235 0.11 2.78 -10.29
C PRO A 235 1.23 3.81 -10.26
N THR A 236 1.51 4.37 -9.08
CA THR A 236 2.68 5.25 -9.00
C THR A 236 3.97 4.43 -9.06
N ALA A 237 3.93 3.18 -8.57
CA ALA A 237 5.09 2.30 -8.63
C ALA A 237 5.53 2.10 -10.07
N PRO A 238 6.83 2.12 -10.34
CA PRO A 238 7.27 2.06 -11.75
C PRO A 238 7.24 0.65 -12.34
N THR A 239 6.03 0.17 -12.65
CA THR A 239 5.85 -1.14 -13.29
C THR A 239 5.94 -1.04 -14.82
N SER A 256 18.60 0.67 -6.89
CA SER A 256 17.69 1.55 -7.60
C SER A 256 17.43 2.83 -6.80
N ILE A 257 16.48 3.61 -7.29
CA ILE A 257 15.85 4.65 -6.49
C ILE A 257 14.50 4.22 -5.95
N ASN A 258 14.09 2.96 -6.22
CA ASN A 258 12.75 2.51 -5.91
C ASN A 258 12.53 2.16 -4.44
N TYR A 259 13.57 2.12 -3.60
CA TYR A 259 13.36 1.73 -2.22
C TYR A 259 14.22 2.56 -1.28
N LEU A 260 13.65 2.90 -0.14
CA LEU A 260 14.41 3.62 0.87
C LEU A 260 15.01 2.66 1.88
N PHE A 261 14.33 1.55 2.09
CA PHE A 261 14.61 0.61 3.16
C PHE A 261 15.46 -0.55 2.63
N GLU A 262 15.98 -1.33 3.56
CA GLU A 262 16.78 -2.49 3.19
C GLU A 262 15.88 -3.55 2.56
N THR A 263 16.16 -3.90 1.31
CA THR A 263 15.36 -4.85 0.56
C THR A 263 16.09 -6.16 0.24
N ASN A 264 17.35 -6.32 0.68
CA ASN A 264 18.11 -7.56 0.49
C ASN A 264 18.12 -7.98 -0.98
N THR A 265 18.32 -7.00 -1.87
CA THR A 265 18.04 -7.20 -3.28
C THR A 265 18.92 -8.28 -3.88
N GLU A 266 20.23 -8.22 -3.58
CA GLU A 266 21.16 -9.19 -4.15
C GLU A 266 20.74 -10.61 -3.84
N VAL A 267 20.51 -10.89 -2.55
CA VAL A 267 20.16 -12.24 -2.12
C VAL A 267 18.90 -12.72 -2.82
N CYS A 268 17.88 -11.87 -2.88
CA CYS A 268 16.58 -12.26 -3.40
C CYS A 268 16.63 -12.54 -4.89
N MET A 269 17.26 -11.64 -5.65
CA MET A 269 17.21 -11.77 -7.10
C MET A 269 18.15 -12.86 -7.62
N LYS A 270 19.22 -13.17 -6.89
CA LYS A 270 20.05 -14.30 -7.33
C LYS A 270 19.35 -15.61 -7.07
N TRP A 271 18.56 -15.71 -6.00
CA TRP A 271 17.77 -16.91 -5.75
C TRP A 271 16.69 -17.09 -6.81
N LEU A 272 15.93 -16.02 -7.09
CA LEU A 272 14.92 -16.07 -8.14
C LEU A 272 15.52 -16.39 -9.50
N ASP A 273 16.75 -15.93 -9.76
CA ASP A 273 17.39 -16.23 -11.05
C ASP A 273 17.70 -17.71 -11.19
N GLN A 274 17.72 -18.47 -10.11
CA GLN A 274 17.89 -19.91 -10.16
C GLN A 274 16.57 -20.65 -10.31
N ARG A 275 15.44 -19.95 -10.29
CA ARG A 275 14.13 -20.58 -10.37
C ARG A 275 13.58 -20.57 -11.79
N GLU A 276 12.91 -21.66 -12.18
CA GLU A 276 12.29 -21.72 -13.50
C GLU A 276 10.99 -20.94 -13.51
N ILE A 277 10.57 -20.55 -14.73
CA ILE A 277 9.34 -19.81 -14.99
C ILE A 277 8.21 -20.41 -14.17
N ASP A 278 7.42 -19.56 -13.52
CA ASP A 278 6.13 -19.97 -12.96
C ASP A 278 6.26 -21.04 -11.90
N THR A 279 7.29 -20.98 -11.07
CA THR A 279 7.45 -22.00 -10.06
C THR A 279 7.44 -21.50 -8.63
N VAL A 280 7.55 -20.19 -8.39
CA VAL A 280 7.76 -19.63 -7.06
C VAL A 280 6.47 -19.05 -6.51
N ILE A 281 6.12 -19.43 -5.29
CA ILE A 281 5.10 -18.75 -4.52
C ILE A 281 5.76 -17.62 -3.74
N TYR A 282 5.41 -16.39 -4.06
CA TYR A 282 5.84 -15.25 -3.26
C TYR A 282 4.83 -15.06 -2.12
N VAL A 283 5.32 -14.97 -0.89
CA VAL A 283 4.49 -14.85 0.30
C VAL A 283 4.90 -13.60 1.07
N SER A 284 3.94 -12.72 1.34
CA SER A 284 4.21 -11.56 2.19
C SER A 284 2.93 -11.03 2.80
N PHE A 285 2.97 -10.75 4.10
CA PHE A 285 1.86 -10.12 4.79
C PHE A 285 2.10 -8.63 5.05
N GLY A 286 3.03 -8.03 4.31
CA GLY A 286 3.20 -6.59 4.33
C GLY A 286 4.07 -6.11 5.47
N SER A 287 3.91 -4.81 5.80
CA SER A 287 4.81 -4.14 6.72
C SER A 287 4.29 -4.08 8.15
N LEU A 288 3.02 -4.31 8.35
CA LEU A 288 2.37 -4.12 9.64
C LEU A 288 1.80 -5.40 10.22
N ALA A 289 1.12 -6.21 9.40
CA ALA A 289 0.34 -7.32 9.90
C ALA A 289 1.24 -8.40 10.51
N SER A 290 0.79 -8.97 11.62
CA SER A 290 1.54 -9.96 12.38
C SER A 290 0.66 -11.19 12.58
N LEU A 291 1.16 -12.35 12.16
CA LEU A 291 0.44 -13.60 12.31
C LEU A 291 0.82 -14.25 13.63
N THR A 292 -0.17 -14.84 14.29
CA THR A 292 0.11 -15.57 15.51
C THR A 292 1.09 -16.71 15.22
N GLU A 293 1.77 -17.14 16.27
CA GLU A 293 2.66 -18.29 16.17
C GLU A 293 1.94 -19.49 15.55
N GLU A 294 0.69 -19.71 15.93
CA GLU A 294 -0.06 -20.84 15.40
C GLU A 294 -0.32 -20.68 13.91
N GLN A 295 -0.77 -19.48 13.50
CA GLN A 295 -1.01 -19.25 12.08
C GLN A 295 0.27 -19.40 11.27
N MET A 296 1.40 -18.92 11.83
CA MET A 296 2.68 -19.10 11.15
C MET A 296 2.99 -20.57 10.90
N GLU A 297 2.70 -21.43 11.88
CA GLU A 297 2.99 -22.85 11.68
C GLU A 297 2.22 -23.40 10.49
N GLN A 298 0.94 -23.03 10.38
CA GLN A 298 0.12 -23.55 9.29
C GLN A 298 0.68 -23.11 7.94
N VAL A 299 1.12 -21.86 7.84
CA VAL A 299 1.69 -21.39 6.58
C VAL A 299 2.98 -22.15 6.26
N SER A 300 3.87 -22.28 7.25
CA SER A 300 5.13 -22.99 7.04
C SER A 300 4.88 -24.41 6.55
N GLN A 301 3.96 -25.13 7.21
CA GLN A 301 3.69 -26.51 6.80
C GLN A 301 3.03 -26.56 5.43
N ALA A 302 2.09 -25.64 5.17
CA ALA A 302 1.50 -25.59 3.85
C ALA A 302 2.55 -25.36 2.78
N LEU A 303 3.50 -24.46 3.05
CA LEU A 303 4.52 -24.17 2.05
C LEU A 303 5.43 -25.38 1.82
N ILE A 304 5.81 -26.06 2.91
CA ILE A 304 6.62 -27.28 2.79
C ILE A 304 5.81 -28.36 2.09
N ARG A 305 4.57 -28.60 2.55
CA ARG A 305 3.81 -29.73 2.07
C ARG A 305 3.39 -29.57 0.62
N SER A 306 3.10 -28.34 0.19
CA SER A 306 3.15 -28.06 -1.24
C SER A 306 4.60 -28.22 -1.67
N ASN A 307 4.83 -28.82 -2.82
CA ASN A 307 6.23 -29.03 -3.16
C ASN A 307 6.80 -27.87 -3.97
N CYS A 308 6.33 -26.65 -3.70
CA CYS A 308 6.69 -25.49 -4.50
C CYS A 308 7.87 -24.75 -3.91
N TYR A 309 8.61 -24.09 -4.78
CA TYR A 309 9.55 -23.07 -4.33
C TYR A 309 8.78 -21.85 -3.81
N PHE A 310 9.33 -21.20 -2.79
CA PHE A 310 8.64 -20.06 -2.19
C PHE A 310 9.64 -19.05 -1.66
N LEU A 311 9.31 -17.79 -1.81
CA LEU A 311 10.03 -16.68 -1.18
C LEU A 311 9.07 -16.08 -0.16
N TRP A 312 9.40 -16.18 1.12
CA TRP A 312 8.49 -15.76 2.17
C TRP A 312 9.12 -14.63 2.97
N VAL A 313 8.53 -13.43 2.88
CA VAL A 313 8.96 -12.30 3.70
C VAL A 313 8.40 -12.48 5.11
N VAL A 314 9.30 -12.67 6.06
CA VAL A 314 8.97 -12.72 7.48
C VAL A 314 9.79 -11.63 8.11
N ARG A 315 9.13 -10.58 8.60
CA ARG A 315 9.87 -9.44 9.13
C ARG A 315 10.72 -9.87 10.32
N GLU A 316 11.86 -9.20 10.48
CA GLU A 316 12.83 -9.59 11.49
C GLU A 316 12.18 -9.76 12.87
N GLU A 317 11.31 -8.81 13.24
CA GLU A 317 10.62 -8.89 14.52
C GLU A 317 9.62 -10.03 14.58
N GLU A 318 9.34 -10.70 13.47
CA GLU A 318 8.39 -11.80 13.43
C GLU A 318 9.05 -13.16 13.29
N GLU A 319 10.33 -13.24 12.97
CA GLU A 319 11.05 -14.48 13.20
C GLU A 319 11.17 -14.64 14.70
N ASN A 320 10.94 -15.87 15.17
CA ASN A 320 10.82 -16.31 16.55
C ASN A 320 9.43 -16.94 16.67
N LYS A 321 8.54 -16.56 15.75
CA LYS A 321 7.24 -17.20 15.64
C LYS A 321 7.21 -18.28 14.57
N LEU A 322 8.25 -18.35 13.73
CA LEU A 322 8.41 -19.49 12.84
C LEU A 322 8.74 -20.73 13.67
N PRO A 323 8.34 -21.91 13.20
CA PRO A 323 8.74 -23.16 13.87
C PRO A 323 10.25 -23.27 14.06
N LYS A 324 10.67 -24.18 14.93
CA LYS A 324 12.04 -24.27 15.45
C LYS A 324 13.12 -24.11 14.39
N ASP A 325 13.24 -25.04 13.45
CA ASP A 325 14.32 -25.05 12.50
C ASP A 325 13.90 -24.54 11.12
N PHE A 326 12.79 -23.81 11.03
CA PHE A 326 12.20 -23.54 9.72
C PHE A 326 13.12 -22.67 8.87
N LYS A 327 13.51 -21.50 9.40
CA LYS A 327 14.34 -20.59 8.61
C LYS A 327 15.69 -21.21 8.27
N GLU A 328 16.35 -21.84 9.26
CA GLU A 328 17.72 -22.28 9.05
C GLU A 328 17.80 -23.57 8.22
N THR A 329 16.84 -24.48 8.34
CA THR A 329 17.07 -25.78 7.70
C THR A 329 15.91 -26.25 6.84
N THR A 330 14.71 -26.42 7.40
CA THR A 330 13.67 -27.08 6.62
C THR A 330 13.20 -26.24 5.43
N SER A 331 13.34 -24.92 5.50
CA SER A 331 12.99 -24.11 4.34
C SER A 331 14.08 -24.11 3.27
N LYS A 332 15.27 -24.67 3.57
CA LYS A 332 16.43 -24.47 2.71
C LYS A 332 16.28 -25.15 1.37
N LYS A 333 15.55 -26.26 1.32
CA LYS A 333 15.45 -27.01 0.07
C LYS A 333 14.68 -26.21 -0.98
N LYS A 334 13.49 -25.71 -0.61
CA LYS A 334 12.61 -25.08 -1.58
C LYS A 334 12.37 -23.59 -1.33
N GLY A 335 12.80 -23.05 -0.19
CA GLY A 335 12.40 -21.70 0.16
C GLY A 335 13.49 -20.69 0.34
N LEU A 336 13.11 -19.41 0.36
CA LEU A 336 13.96 -18.32 0.79
C LEU A 336 13.14 -17.52 1.79
N VAL A 337 13.51 -17.57 3.07
CA VAL A 337 12.88 -16.76 4.11
C VAL A 337 13.78 -15.55 4.35
N ILE A 338 13.22 -14.35 4.19
CA ILE A 338 14.01 -13.13 4.21
C ILE A 338 13.18 -12.05 4.90
N ASN A 339 13.85 -11.10 5.57
CA ASN A 339 13.06 -10.20 6.39
C ASN A 339 12.46 -9.05 5.60
N TRP A 340 12.85 -8.88 4.33
CA TRP A 340 12.30 -7.85 3.47
C TRP A 340 12.89 -8.08 2.08
N CYS A 341 12.12 -7.81 1.05
CA CYS A 341 12.54 -8.09 -0.31
C CYS A 341 12.26 -6.90 -1.19
N PRO A 342 12.85 -6.85 -2.39
CA PRO A 342 12.49 -5.77 -3.33
C PRO A 342 11.19 -6.14 -4.02
N GLN A 343 10.05 -5.82 -3.41
CA GLN A 343 8.80 -6.43 -3.84
C GLN A 343 8.52 -6.18 -5.32
N LEU A 344 8.82 -4.98 -5.82
CA LEU A 344 8.55 -4.69 -7.23
C LEU A 344 9.35 -5.61 -8.14
N ASP A 345 10.62 -5.83 -7.80
CA ASP A 345 11.47 -6.69 -8.59
C ASP A 345 11.05 -8.15 -8.46
N VAL A 346 10.59 -8.54 -7.27
CA VAL A 346 10.17 -9.92 -7.07
C VAL A 346 8.91 -10.19 -7.91
N LEU A 347 7.91 -9.31 -7.78
CA LEU A 347 6.68 -9.48 -8.55
C LEU A 347 6.90 -9.38 -10.06
N ALA A 348 7.96 -8.69 -10.50
CA ALA A 348 8.25 -8.64 -11.93
C ALA A 348 9.00 -9.86 -12.43
N HIS A 349 9.48 -10.72 -11.55
CA HIS A 349 10.36 -11.82 -11.97
C HIS A 349 9.55 -12.96 -12.57
N LYS A 350 9.98 -13.44 -13.74
CA LYS A 350 9.21 -14.44 -14.48
C LYS A 350 9.04 -15.74 -13.70
N SER A 351 9.87 -15.99 -12.69
CA SER A 351 9.74 -17.25 -11.98
C SER A 351 8.57 -17.27 -11.02
N VAL A 352 8.04 -16.10 -10.65
CA VAL A 352 7.00 -16.02 -9.63
C VAL A 352 5.67 -16.42 -10.23
N ALA A 353 5.06 -17.45 -9.68
CA ALA A 353 3.81 -17.95 -10.26
C ALA A 353 2.59 -17.35 -9.58
N CYS A 354 2.71 -16.99 -8.31
CA CYS A 354 1.56 -16.45 -7.61
C CYS A 354 2.03 -15.80 -6.33
N PHE A 355 1.13 -15.04 -5.73
CA PHE A 355 1.42 -14.15 -4.62
C PHE A 355 0.42 -14.43 -3.53
N MET A 356 0.85 -15.08 -2.45
CA MET A 356 0.02 -15.17 -1.25
C MET A 356 0.21 -13.89 -0.43
N THR A 357 -0.86 -13.09 -0.32
CA THR A 357 -0.75 -11.72 0.15
C THR A 357 -1.84 -11.43 1.17
N HIS A 358 -1.54 -10.49 2.11
CA HIS A 358 -2.57 -9.95 3.00
C HIS A 358 -3.52 -8.97 2.29
N CYS A 359 -3.29 -8.66 1.02
CA CYS A 359 -4.18 -7.81 0.22
C CYS A 359 -4.14 -6.35 0.64
N GLY A 360 -3.04 -5.88 1.19
CA GLY A 360 -2.84 -4.43 1.25
C GLY A 360 -2.94 -3.85 -0.15
N TRP A 361 -3.32 -2.57 -0.23
CA TRP A 361 -3.59 -2.01 -1.55
C TRP A 361 -2.34 -1.98 -2.43
N ASN A 362 -1.19 -1.59 -1.89
CA ASN A 362 0.01 -1.55 -2.71
C ASN A 362 0.36 -2.95 -3.22
N SER A 363 0.31 -3.96 -2.35
CA SER A 363 0.63 -5.31 -2.81
C SER A 363 -0.37 -5.77 -3.85
N THR A 364 -1.65 -5.44 -3.65
CA THR A 364 -2.69 -5.78 -4.62
C THR A 364 -2.40 -5.14 -5.98
N LEU A 365 -2.20 -3.83 -5.98
CA LEU A 365 -1.99 -3.09 -7.22
C LEU A 365 -0.69 -3.51 -7.89
N GLU A 366 0.38 -3.69 -7.12
CA GLU A 366 1.66 -4.06 -7.69
C GLU A 366 1.58 -5.45 -8.35
N ALA A 367 0.88 -6.38 -7.71
CA ALA A 367 0.74 -7.74 -8.27
C ALA A 367 -0.11 -7.71 -9.52
N LEU A 368 -1.25 -7.02 -9.43
CA LEU A 368 -2.13 -6.83 -10.56
C LEU A 368 -1.40 -6.21 -11.75
N CYS A 369 -0.57 -5.19 -11.50
CA CYS A 369 0.13 -4.52 -12.58
C CYS A 369 1.32 -5.33 -13.07
N SER A 370 1.77 -6.29 -12.28
CA SER A 370 2.81 -7.22 -12.67
C SER A 370 2.24 -8.48 -13.32
N GLY A 371 0.93 -8.62 -13.40
CA GLY A 371 0.32 -9.84 -13.93
C GLY A 371 0.48 -11.09 -13.08
N VAL A 372 0.44 -10.96 -11.75
CA VAL A 372 0.71 -12.06 -10.84
C VAL A 372 -0.59 -12.41 -10.11
N PRO A 373 -1.15 -13.60 -10.32
CA PRO A 373 -2.38 -13.98 -9.61
C PRO A 373 -2.10 -14.19 -8.12
N MET A 374 -3.17 -14.11 -7.33
CA MET A 374 -3.01 -13.92 -5.89
C MET A 374 -3.78 -14.97 -5.08
N ILE A 375 -3.24 -15.31 -3.92
CA ILE A 375 -3.96 -16.05 -2.90
C ILE A 375 -4.22 -15.07 -1.77
N CYS A 376 -5.50 -14.77 -1.52
CA CYS A 376 -5.87 -13.67 -0.65
C CYS A 376 -6.01 -14.15 0.78
N MET A 377 -5.16 -13.63 1.67
CA MET A 377 -5.26 -13.87 3.11
C MET A 377 -5.34 -12.54 3.83
N PRO A 378 -6.45 -11.83 3.68
CA PRO A 378 -6.55 -10.48 4.24
C PRO A 378 -6.61 -10.52 5.76
N GLN A 379 -6.04 -9.49 6.38
CA GLN A 379 -5.99 -9.44 7.83
C GLN A 379 -6.93 -8.40 8.41
N TRP A 380 -6.87 -7.14 7.97
CA TRP A 380 -7.75 -6.13 8.55
C TRP A 380 -7.79 -4.89 7.66
N ALA A 381 -8.53 -3.88 8.12
CA ALA A 381 -8.75 -2.64 7.40
C ALA A 381 -9.24 -2.94 5.99
N ASP A 382 -8.75 -2.19 5.01
CA ASP A 382 -9.27 -2.32 3.67
C ASP A 382 -8.91 -3.66 3.01
N GLN A 383 -8.12 -4.52 3.66
CA GLN A 383 -7.62 -5.71 3.00
C GLN A 383 -8.75 -6.68 2.70
N THR A 384 -9.74 -6.75 3.58
CA THR A 384 -10.90 -7.62 3.34
C THR A 384 -11.65 -7.18 2.09
N THR A 385 -11.83 -5.86 1.92
CA THR A 385 -12.47 -5.33 0.73
C THR A 385 -11.63 -5.57 -0.51
N ASN A 386 -10.30 -5.35 -0.42
CA ASN A 386 -9.44 -5.63 -1.56
C ASN A 386 -9.53 -7.10 -1.99
N ALA A 387 -9.55 -8.02 -1.02
CA ALA A 387 -9.62 -9.44 -1.35
C ALA A 387 -10.90 -9.76 -2.10
N LYS A 388 -12.00 -9.09 -1.76
CA LYS A 388 -13.24 -9.28 -2.49
C LYS A 388 -13.13 -8.77 -3.92
N LEU A 389 -12.55 -7.58 -4.11
CA LEU A 389 -12.33 -7.06 -5.46
C LEU A 389 -11.42 -7.97 -6.27
N ILE A 390 -10.36 -8.47 -5.65
CA ILE A 390 -9.42 -9.35 -6.34
C ILE A 390 -10.12 -10.60 -6.85
N GLU A 391 -10.87 -11.26 -5.97
CA GLU A 391 -11.46 -12.56 -6.32
C GLU A 391 -12.69 -12.39 -7.22
N HIS A 392 -13.57 -11.44 -6.91
CA HIS A 392 -14.86 -11.40 -7.58
C HIS A 392 -15.00 -10.33 -8.65
N VAL A 393 -14.24 -9.23 -8.57
CA VAL A 393 -14.37 -8.19 -9.59
C VAL A 393 -13.26 -8.34 -10.63
N TRP A 394 -12.00 -8.25 -10.19
CA TRP A 394 -10.90 -8.33 -11.13
C TRP A 394 -10.55 -9.77 -11.49
N LYS A 395 -10.87 -10.72 -10.62
CA LYS A 395 -10.82 -12.16 -10.93
C LYS A 395 -9.39 -12.62 -11.17
N ILE A 396 -8.49 -12.26 -10.24
CA ILE A 396 -7.08 -12.61 -10.40
C ILE A 396 -6.60 -13.25 -9.12
N GLY A 397 -7.52 -13.70 -8.29
CA GLY A 397 -7.10 -14.40 -7.09
C GLY A 397 -8.21 -15.24 -6.51
N VAL A 398 -7.82 -16.13 -5.61
CA VAL A 398 -8.74 -16.91 -4.81
C VAL A 398 -8.52 -16.56 -3.35
N GLY A 399 -9.55 -16.72 -2.55
CA GLY A 399 -9.50 -16.39 -1.14
C GLY A 399 -9.44 -17.66 -0.30
N VAL A 400 -8.59 -17.64 0.73
CA VAL A 400 -8.66 -18.70 1.72
C VAL A 400 -9.91 -18.53 2.55
N ASN A 401 -10.36 -19.63 3.15
CA ASN A 401 -11.48 -19.62 4.08
C ASN A 401 -10.98 -20.00 5.47
N LYS A 402 -11.27 -19.15 6.45
CA LYS A 402 -10.90 -19.45 7.82
C LYS A 402 -11.71 -20.63 8.34
N SER A 403 -11.26 -21.18 9.46
CA SER A 403 -11.98 -22.22 10.17
C SER A 403 -12.65 -21.62 11.40
N ILE A 408 -8.67 -19.60 12.30
CA ILE A 408 -7.31 -19.90 11.79
C ILE A 408 -7.37 -20.46 10.37
N VAL A 409 -6.43 -20.06 9.52
CA VAL A 409 -6.37 -20.64 8.16
C VAL A 409 -5.46 -21.86 8.22
N LYS A 410 -6.02 -23.02 7.95
CA LYS A 410 -5.26 -24.28 8.10
C LYS A 410 -4.42 -24.55 6.86
N ARG A 411 -3.41 -25.39 6.99
CA ARG A 411 -2.48 -25.67 5.88
C ARG A 411 -3.23 -26.28 4.70
N GLU A 412 -4.16 -27.17 4.98
CA GLU A 412 -4.93 -27.84 3.91
C GLU A 412 -5.62 -26.80 3.04
N GLU A 413 -6.23 -25.78 3.65
CA GLU A 413 -6.86 -24.71 2.89
C GLU A 413 -5.85 -23.98 2.02
N ILE A 414 -4.70 -23.62 2.59
CA ILE A 414 -3.64 -22.94 1.85
C ILE A 414 -3.14 -23.81 0.70
N GLU A 415 -2.86 -25.09 0.99
CA GLU A 415 -2.40 -26.00 -0.06
C GLU A 415 -3.43 -26.12 -1.17
N ASP A 416 -4.70 -26.15 -0.82
CA ASP A 416 -5.75 -26.22 -1.83
C ASP A 416 -5.75 -24.97 -2.70
N CYS A 417 -5.62 -23.79 -2.08
CA CYS A 417 -5.53 -22.56 -2.85
C CYS A 417 -4.30 -22.55 -3.75
N ILE A 418 -3.17 -23.04 -3.26
CA ILE A 418 -1.97 -23.12 -4.09
C ILE A 418 -2.21 -24.00 -5.31
N ARG A 419 -2.84 -25.17 -5.11
CA ARG A 419 -3.12 -26.05 -6.24
C ARG A 419 -4.07 -25.38 -7.23
N GLN A 420 -5.14 -24.78 -6.73
CA GLN A 420 -6.02 -24.00 -7.58
C GLN A 420 -5.24 -23.04 -8.48
N VAL A 421 -4.30 -22.29 -7.88
CA VAL A 421 -3.57 -21.28 -8.65
C VAL A 421 -2.47 -21.92 -9.49
N ILE A 422 -1.63 -22.76 -8.88
CA ILE A 422 -0.45 -23.27 -9.57
C ILE A 422 -0.80 -24.34 -10.60
N GLU A 423 -1.85 -25.12 -10.36
CA GLU A 423 -2.10 -26.32 -11.17
C GLU A 423 -3.40 -26.26 -11.94
N SER A 424 -4.49 -25.89 -11.27
CA SER A 424 -5.83 -26.03 -11.82
C SER A 424 -6.01 -25.18 -13.08
N GLU A 425 -7.04 -25.53 -13.84
CA GLU A 425 -7.44 -24.72 -14.98
C GLU A 425 -7.94 -23.34 -14.54
N ARG A 426 -8.59 -23.25 -13.38
CA ARG A 426 -8.96 -21.95 -12.83
C ARG A 426 -7.73 -21.06 -12.69
N GLY A 427 -6.62 -21.63 -12.24
CA GLY A 427 -5.39 -20.87 -12.11
C GLY A 427 -4.89 -20.31 -13.43
N LYS A 428 -5.07 -21.05 -14.52
CA LYS A 428 -4.67 -20.51 -15.81
C LYS A 428 -5.56 -19.36 -16.22
N GLU A 429 -6.84 -19.40 -15.82
CA GLU A 429 -7.73 -18.27 -16.10
C GLU A 429 -7.33 -17.05 -15.28
N LEU A 430 -7.03 -17.25 -14.00
CA LEU A 430 -6.60 -16.13 -13.15
C LEU A 430 -5.35 -15.47 -13.73
N LYS A 431 -4.39 -16.27 -14.19
CA LYS A 431 -3.18 -15.74 -14.79
C LYS A 431 -3.48 -14.96 -16.06
N ARG A 432 -4.34 -15.50 -16.92
CA ARG A 432 -4.72 -14.74 -18.13
C ARG A 432 -5.42 -13.43 -17.77
N ASN A 433 -6.26 -13.43 -16.73
CA ASN A 433 -6.91 -12.19 -16.28
C ASN A 433 -5.87 -11.21 -15.74
N ALA A 434 -4.92 -11.71 -14.96
CA ALA A 434 -3.85 -10.86 -14.44
C ALA A 434 -3.04 -10.24 -15.58
N ILE A 435 -2.83 -10.99 -16.66
CA ILE A 435 -2.04 -10.47 -17.76
C ILE A 435 -2.81 -9.37 -18.47
N LYS A 436 -4.13 -9.51 -18.57
CA LYS A 436 -4.95 -8.47 -19.17
C LYS A 436 -4.91 -7.19 -18.33
N TRP A 437 -4.95 -7.32 -17.01
CA TRP A 437 -4.85 -6.12 -16.18
C TRP A 437 -3.47 -5.48 -16.30
N LYS A 438 -2.41 -6.29 -16.28
CA LYS A 438 -1.06 -5.78 -16.48
C LYS A 438 -0.99 -4.93 -17.74
N GLU A 439 -1.63 -5.39 -18.81
CA GLU A 439 -1.63 -4.67 -20.08
C GLU A 439 -2.39 -3.35 -19.96
N LEU A 440 -3.53 -3.35 -19.28
CA LEU A 440 -4.27 -2.08 -19.12
C LEU A 440 -3.55 -1.12 -18.19
N ALA A 441 -2.90 -1.66 -17.14
CA ALA A 441 -2.06 -0.82 -16.29
C ALA A 441 -0.91 -0.21 -17.08
N LYS A 442 -0.33 -1.00 -18.00
CA LYS A 442 0.75 -0.46 -18.81
C LYS A 442 0.24 0.66 -19.73
N GLU A 443 -0.93 0.47 -20.33
CA GLU A 443 -1.53 1.56 -21.11
C GLU A 443 -1.71 2.81 -20.27
N ALA A 444 -2.18 2.64 -19.02
CA ALA A 444 -2.55 3.79 -18.19
C ALA A 444 -1.34 4.65 -17.86
N VAL A 445 -0.17 4.04 -17.66
CA VAL A 445 1.01 4.81 -17.28
C VAL A 445 1.87 5.20 -18.47
N SER A 446 1.54 4.70 -19.67
CA SER A 446 2.26 5.04 -20.88
C SER A 446 1.68 6.30 -21.49
N GLU A 447 2.42 6.87 -22.44
CA GLU A 447 1.97 8.07 -23.13
C GLU A 447 0.55 7.89 -23.66
N GLY A 448 -0.30 8.85 -23.38
CA GLY A 448 -1.68 8.82 -23.80
C GLY A 448 -2.61 8.07 -22.89
N GLY A 449 -2.08 7.36 -21.89
CA GLY A 449 -2.94 6.66 -20.95
C GLY A 449 -3.48 7.57 -19.87
N SER A 450 -4.53 7.10 -19.20
CA SER A 450 -5.27 7.99 -18.30
C SER A 450 -4.39 8.49 -17.16
N SER A 451 -3.57 7.61 -16.57
CA SER A 451 -2.74 8.04 -15.44
C SER A 451 -1.60 8.94 -15.90
N CYS A 452 -0.98 8.62 -17.04
CA CYS A 452 0.03 9.50 -17.61
C CYS A 452 -0.56 10.87 -17.94
N ASN A 453 -1.77 10.91 -18.51
CA ASN A 453 -2.45 12.18 -18.77
C ASN A 453 -2.70 12.94 -17.47
N ASN A 454 -3.14 12.25 -16.42
CA ASN A 454 -3.50 12.95 -15.19
C ASN A 454 -2.27 13.50 -14.48
N ILE A 455 -1.16 12.77 -14.52
CA ILE A 455 0.08 13.28 -13.92
C ILE A 455 0.56 14.49 -14.71
N GLN A 456 0.47 14.42 -16.04
CA GLN A 456 0.84 15.56 -16.87
C GLN A 456 -0.03 16.78 -16.57
N GLU A 457 -1.34 16.58 -16.45
CA GLU A 457 -2.24 17.66 -16.07
C GLU A 457 -1.84 18.26 -14.73
N PHE A 458 -1.64 17.41 -13.71
CA PHE A 458 -1.15 17.88 -12.41
C PHE A 458 0.15 18.65 -12.57
N SER A 459 1.12 18.09 -13.29
CA SER A 459 2.38 18.77 -13.50
C SER A 459 2.18 20.12 -14.17
N SER A 460 1.25 20.22 -15.14
CA SER A 460 1.06 21.48 -15.86
C SER A 460 0.36 22.51 -14.99
N SER A 461 -0.64 22.09 -14.22
CA SER A 461 -1.30 22.99 -13.29
C SER A 461 -0.32 23.66 -12.35
N LEU A 462 0.76 22.97 -11.97
CA LEU A 462 1.76 23.57 -11.08
C LEU A 462 2.61 24.62 -11.78
N LEU A 463 2.71 24.59 -13.11
CA LEU A 463 3.41 25.65 -13.85
C LEU A 463 2.47 26.81 -14.16
#